data_9BJO
# 
_entry.id   9BJO 
# 
_audit_conform.dict_name       mmcif_pdbx.dic 
_audit_conform.dict_version    5.397 
_audit_conform.dict_location   http://mmcif.pdb.org/dictionaries/ascii/mmcif_pdbx.dic 
# 
loop_
_database_2.database_id 
_database_2.database_code 
_database_2.pdbx_database_accession 
_database_2.pdbx_DOI 
PDB   9BJO         pdb_00009bjo 10.2210/pdb9bjo/pdb 
WWPDB D_1000283474 ?            ?                   
EMDB  EMD-44637    ?            ?                   
# 
loop_
_pdbx_audit_revision_history.ordinal 
_pdbx_audit_revision_history.data_content_type 
_pdbx_audit_revision_history.major_revision 
_pdbx_audit_revision_history.minor_revision 
_pdbx_audit_revision_history.revision_date 
1 'Structure model' 1 0 2024-09-18 
2 'Structure model' 1 1 2024-10-02 
3 'Structure model' 1 2 2024-10-23 
# 
_pdbx_audit_revision_details.ordinal             1 
_pdbx_audit_revision_details.revision_ordinal    1 
_pdbx_audit_revision_details.data_content_type   'Structure model' 
_pdbx_audit_revision_details.provider            repository 
_pdbx_audit_revision_details.type                'Initial release' 
_pdbx_audit_revision_details.description         ? 
_pdbx_audit_revision_details.details             ? 
# 
loop_
_pdbx_audit_revision_group.ordinal 
_pdbx_audit_revision_group.revision_ordinal 
_pdbx_audit_revision_group.data_content_type 
_pdbx_audit_revision_group.group 
1 2 'Structure model' 'Data collection'     
2 2 'Structure model' 'Database references' 
3 3 'Structure model' 'Data collection'     
4 3 'Structure model' 'Structure summary'   
# 
loop_
_pdbx_audit_revision_category.ordinal 
_pdbx_audit_revision_category.revision_ordinal 
_pdbx_audit_revision_category.data_content_type 
_pdbx_audit_revision_category.category 
1 2 'Structure model' citation                  
2 2 'Structure model' em_admin                  
3 3 'Structure model' em_admin                  
4 3 'Structure model' pdbx_entry_details        
5 3 'Structure model' pdbx_modification_feature 
# 
loop_
_pdbx_audit_revision_item.ordinal 
_pdbx_audit_revision_item.revision_ordinal 
_pdbx_audit_revision_item.data_content_type 
_pdbx_audit_revision_item.item 
1 2 'Structure model' '_citation.journal_volume'                     
2 2 'Structure model' '_citation.page_first'                         
3 2 'Structure model' '_citation.page_last'                          
4 2 'Structure model' '_em_admin.last_update'                        
5 3 'Structure model' '_em_admin.last_update'                        
6 3 'Structure model' '_pdbx_entry_details.has_protein_modification' 
# 
_pdbx_database_status.status_code                     REL 
_pdbx_database_status.status_code_sf                  ? 
_pdbx_database_status.status_code_mr                  ? 
_pdbx_database_status.entry_id                        9BJO 
_pdbx_database_status.recvd_initial_deposition_date   2024-04-25 
_pdbx_database_status.SG_entry                        N 
_pdbx_database_status.deposit_site                    RCSB 
_pdbx_database_status.process_site                    RCSB 
_pdbx_database_status.status_code_cs                  ? 
_pdbx_database_status.status_code_nmr_data            ? 
_pdbx_database_status.methods_development_category    ? 
_pdbx_database_status.pdb_format_compatible           N 
# 
_pdbx_database_related.db_name        EMDB 
_pdbx_database_related.details        'Cryo-EM of Azo-ffsy fiber' 
_pdbx_database_related.db_id          EMD-44637 
_pdbx_database_related.content_type   'associated EM volume' 
# 
_pdbx_contact_author.id                 2 
_pdbx_contact_author.email              fw2@uab.edu 
_pdbx_contact_author.name_first         Fengbin 
_pdbx_contact_author.name_last          Wang 
_pdbx_contact_author.name_mi            ? 
_pdbx_contact_author.role               'principal investigator/group leader' 
_pdbx_contact_author.identifier_ORCID   0000-0003-1008-663X 
# 
loop_
_audit_author.name 
_audit_author.pdbx_ordinal 
_audit_author.identifier_ORCID 
'Zia, A.'  1 ? 
'Guo, J.'  2 ? 
'Xu, B.'   3 ? 
'Wang, F.' 4 ? 
# 
_citation.abstract                  ? 
_citation.abstract_id_CAS           ? 
_citation.book_id_ISBN              ? 
_citation.book_publisher            ? 
_citation.book_publisher_city       ? 
_citation.book_title                ? 
_citation.coordinate_linkage        ? 
_citation.country                   US 
_citation.database_id_Medline       ? 
_citation.details                   ? 
_citation.id                        primary 
_citation.journal_abbrev            J.Am.Chem.Soc. 
_citation.journal_id_ASTM           JACSAT 
_citation.journal_id_CSD            ? 
_citation.journal_id_ISSN           1520-5126 
_citation.journal_full              ? 
_citation.journal_issue             ? 
_citation.journal_volume            146 
_citation.language                  ? 
_citation.page_first                26102 
_citation.page_last                 26112 
_citation.title                     'Cell-Free Nonequilibrium Assembly for Hierarchical Protein/Peptide Nanopillars.' 
_citation.year                      2024 
_citation.database_id_CSD           ? 
_citation.pdbx_database_id_DOI      10.1021/jacs.4c06775 
_citation.pdbx_database_id_PubMed   39255453 
_citation.pdbx_database_id_patent   ? 
_citation.unpublished_flag          ? 
# 
loop_
_citation_author.citation_id 
_citation_author.name 
_citation_author.ordinal 
_citation_author.identifier_ORCID 
primary 'Guo, J.'        1  0000-0002-0254-0401 
primary 'Zia, A.'        2  ?                   
primary 'Qiu, Q.'        3  ?                   
primary 'Norton, M.'     4  ?                   
primary 'Qiu, K.'        5  ?                   
primary 'Usuba, J.'      6  ?                   
primary 'Liu, Z.'        7  ?                   
primary 'Yi, M.'         8  0000-0002-1912-1043 
primary 'Rich-New, S.T.' 9  ?                   
primary 'Hagan, M.'      10 0000-0002-9211-2434 
primary 'Fraden, S.'     11 ?                   
primary 'Han, G.D.'      12 ?                   
primary 'Diao, J.'       13 0000-0003-4288-3203 
primary 'Wang, F.'       14 0000-0003-1008-663X 
primary 'Xu, B.'         15 0000-0002-4639-387X 
# 
_entity.id                         1 
_entity.type                       polymer 
_entity.src_method                 syn 
_entity.pdbx_description           'D-peptide ffsy' 
_entity.formula_weight             770.830 
_entity.pdbx_number_of_molecules   1 
_entity.pdbx_ec                    ? 
_entity.pdbx_mutation              ? 
_entity.pdbx_fragment              ? 
_entity.details                    ? 
# 
_entity_poly.entity_id                      1 
_entity_poly.type                           'polypeptide(D)' 
_entity_poly.nstd_linkage                   no 
_entity_poly.nstd_monomer                   yes 
_entity_poly.pdbx_seq_one_letter_code       '(A1APX)(DPN)(DPN)(DSN)(DTY)' 
_entity_poly.pdbx_seq_one_letter_code_can   XFFSY 
_entity_poly.pdbx_strand_id                 A 
_entity_poly.pdbx_target_identifier         ? 
# 
loop_
_entity_poly_seq.entity_id 
_entity_poly_seq.num 
_entity_poly_seq.mon_id 
_entity_poly_seq.hetero 
1 1 A1APX n 
1 2 DPN   n 
1 3 DPN   n 
1 4 DSN   n 
1 5 DTY   n 
# 
_pdbx_entity_src_syn.entity_id              1 
_pdbx_entity_src_syn.pdbx_src_id            1 
_pdbx_entity_src_syn.pdbx_alt_source_flag   sample 
_pdbx_entity_src_syn.pdbx_beg_seq_num       1 
_pdbx_entity_src_syn.pdbx_end_seq_num       5 
_pdbx_entity_src_syn.organism_scientific    'synthetic construct' 
_pdbx_entity_src_syn.organism_common_name   ? 
_pdbx_entity_src_syn.ncbi_taxonomy_id       32630 
_pdbx_entity_src_syn.details                ? 
# 
loop_
_chem_comp.id 
_chem_comp.type 
_chem_comp.mon_nstd_flag 
_chem_comp.name 
_chem_comp.pdbx_synonyms 
_chem_comp.formula 
_chem_comp.formula_weight 
A1APX non-polymer         . '4-[(E)-phenyldiazenyl]benzoic acid' ? 'C13 H10 N2 O2' 226.231 
DPN   'D-peptide linking' . D-PHENYLALANINE                      ? 'C9 H11 N O2'   165.189 
DSN   'D-peptide linking' . D-SERINE                             ? 'C3 H7 N O3'    105.093 
DTY   'D-peptide linking' . D-TYROSINE                           ? 'C9 H11 N O3'   181.189 
# 
loop_
_pdbx_poly_seq_scheme.asym_id 
_pdbx_poly_seq_scheme.entity_id 
_pdbx_poly_seq_scheme.seq_id 
_pdbx_poly_seq_scheme.mon_id 
_pdbx_poly_seq_scheme.ndb_seq_num 
_pdbx_poly_seq_scheme.pdb_seq_num 
_pdbx_poly_seq_scheme.auth_seq_num 
_pdbx_poly_seq_scheme.pdb_mon_id 
_pdbx_poly_seq_scheme.auth_mon_id 
_pdbx_poly_seq_scheme.pdb_strand_id 
_pdbx_poly_seq_scheme.pdb_ins_code 
_pdbx_poly_seq_scheme.hetero 
A 1 1 A1APX 1 1 1 A1APX AZO A . n 
A 1 2 DPN   2 2 2 DPN   DPN A . n 
A 1 3 DPN   3 3 3 DPN   DPN A . n 
A 1 4 DSN   4 4 4 DSN   DSN A . n 
A 1 5 DTY   5 5 5 DTY   DTY A . n 
# 
_pdbx_entity_instance_feature.ordinal        1 
_pdbx_entity_instance_feature.comp_id        A1APX 
_pdbx_entity_instance_feature.asym_id        ? 
_pdbx_entity_instance_feature.seq_num        ? 
_pdbx_entity_instance_feature.auth_comp_id   A1APX 
_pdbx_entity_instance_feature.auth_asym_id   ? 
_pdbx_entity_instance_feature.auth_seq_num   ? 
_pdbx_entity_instance_feature.feature_type   'SUBJECT OF INVESTIGATION' 
_pdbx_entity_instance_feature.details        ? 
# 
_exptl.absorpt_coefficient_mu     ? 
_exptl.absorpt_correction_T_max   ? 
_exptl.absorpt_correction_T_min   ? 
_exptl.absorpt_correction_type    ? 
_exptl.absorpt_process_details    ? 
_exptl.entry_id                   9BJO 
_exptl.crystals_number            ? 
_exptl.details                    ? 
_exptl.method                     'ELECTRON MICROSCOPY' 
_exptl.method_details             ? 
# 
_struct.entry_id                     9BJO 
_struct.title                        'Cryo-EM of Azo-ffsy fiber' 
_struct.pdbx_model_details           ? 
_struct.pdbx_formula_weight          ? 
_struct.pdbx_formula_weight_method   ? 
_struct.pdbx_model_type_details      ? 
_struct.pdbx_CASP_flag               N 
# 
_struct_keywords.entry_id        9BJO 
_struct_keywords.text            'D-peptide, peptide-fiber, helical, PROTEIN FIBRIL' 
_struct_keywords.pdbx_keywords   'PROTEIN FIBRIL' 
# 
_struct_asym.id                            A 
_struct_asym.pdbx_blank_PDB_chainid_flag   N 
_struct_asym.pdbx_modified                 N 
_struct_asym.entity_id                     1 
_struct_asym.details                       ? 
# 
_struct_ref.id                         1 
_struct_ref.db_name                    PDB 
_struct_ref.db_code                    9BJO 
_struct_ref.pdbx_db_accession          9BJO 
_struct_ref.pdbx_db_isoform            ? 
_struct_ref.entity_id                  1 
_struct_ref.pdbx_seq_one_letter_code   ? 
_struct_ref.pdbx_align_begin           1 
# 
_struct_ref_seq.align_id                      1 
_struct_ref_seq.ref_id                        1 
_struct_ref_seq.pdbx_PDB_id_code              9BJO 
_struct_ref_seq.pdbx_strand_id                A 
_struct_ref_seq.seq_align_beg                 1 
_struct_ref_seq.pdbx_seq_align_beg_ins_code   ? 
_struct_ref_seq.seq_align_end                 5 
_struct_ref_seq.pdbx_seq_align_end_ins_code   ? 
_struct_ref_seq.pdbx_db_accession             9BJO 
_struct_ref_seq.db_align_beg                  1 
_struct_ref_seq.pdbx_db_align_beg_ins_code    ? 
_struct_ref_seq.db_align_end                  5 
_struct_ref_seq.pdbx_db_align_end_ins_code    ? 
_struct_ref_seq.pdbx_auth_seq_align_beg       1 
_struct_ref_seq.pdbx_auth_seq_align_end       5 
# 
loop_
_pdbx_struct_assembly.id 
_pdbx_struct_assembly.details 
_pdbx_struct_assembly.method_details 
_pdbx_struct_assembly.oligomeric_details 
_pdbx_struct_assembly.oligomeric_count 
1 'representative helical assembly' ? 80-meric  80 
2 'helical asymmetric unit'         ? monomeric 1  
# 
loop_
_pdbx_struct_assembly_gen.assembly_id 
_pdbx_struct_assembly_gen.oper_expression 
_pdbx_struct_assembly_gen.asym_id_list 
1 '(1-80)' A 
2 1        A 
# 
_pdbx_struct_assembly_auth_evidence.id                     1 
_pdbx_struct_assembly_auth_evidence.assembly_id            1 
_pdbx_struct_assembly_auth_evidence.experimental_support   'electron microscopy' 
_pdbx_struct_assembly_auth_evidence.details                'not applicable' 
# 
loop_
_pdbx_struct_oper_list.id 
_pdbx_struct_oper_list.type 
_pdbx_struct_oper_list.name 
_pdbx_struct_oper_list.symmetry_operation 
_pdbx_struct_oper_list.matrix[1][1] 
_pdbx_struct_oper_list.matrix[1][2] 
_pdbx_struct_oper_list.matrix[1][3] 
_pdbx_struct_oper_list.vector[1] 
_pdbx_struct_oper_list.matrix[2][1] 
_pdbx_struct_oper_list.matrix[2][2] 
_pdbx_struct_oper_list.matrix[2][3] 
_pdbx_struct_oper_list.vector[2] 
_pdbx_struct_oper_list.matrix[3][1] 
_pdbx_struct_oper_list.matrix[3][2] 
_pdbx_struct_oper_list.matrix[3][3] 
_pdbx_struct_oper_list.vector[3] 
1  'identity operation'         1_555 x,y,z 1.00000000 0.00000000  -0.00000000 0.00000   0.00000000  1.00000000  0.00000000  0.00000   -0.00000000 0.00000000  1.00000000  0.00000   
2  'helical symmetry operation' ?     ?     0.31356428 0.59099508  -0.74323763 -2.26550  0.46551069  -0.77787728 -0.42214517 -35.36442 -0.82763347 -0.21361545 -0.51902901 26.31546  
3  'helical symmetry operation' ?     ?     0.46246962 0.00994328  -0.88657950 -9.89026  0.81737957  -0.39221056 0.42197404  -37.71232 -0.34352978 -0.91982204 -0.18951305 9.37230   
4  'helical symmetry operation' ?     ?     0.82422378 -0.28938638 -0.48673441 -18.70655 0.55992677  0.54473735  0.62429357  -22.94611 0.08448002  -0.78709337 0.61102086  1.95932   
5  'helical symmetry operation' ?     ?     0.99961468 0.02332918  0.01504996  -17.81312 -0.02273613 0.99900201  -0.03845406 -6.88663  -0.01593175 0.03809718  0.99914731  11.55176  
6  'helical symmetry operation' ?     ?     0.79509025 0.60299434  0.06503152  -7.02381  -0.28761400 0.46928113  -0.83489691 -6.78188  -0.53395642 0.64511432  0.54655062  26.85860  
7  'helical symmetry operation' ?     ?     0.43635249 0.80992246  -0.39194653 2.92697   0.05759774  -0.45985426 -0.88612442 -22.27309 -0.89793039 0.36408735  -0.24730823 30.28276  
8  'helical symmetry operation' ?     ?     0.31928518 0.41575842  -0.85158790 2.23015   0.63194221  -0.76306008 -0.13560413 -35.79064 -0.70619124 -0.49485793 -0.50636910 17.34018  
9  'helical symmetry operation' ?     ?     0.57307709 -0.14451969 -0.80665790 -7.17319  0.80160455  -0.10573579 0.58843074  -31.94294 -0.17033215 -0.98383670 0.05525271  1.60829   
10 'helical symmetry operation' ?     ?     0.91765753 -0.25261904 -0.30673813 -13.73396 0.37935384  0.78673196  0.48697383  -14.50172 0.11830183  -0.56323748 0.81778251  -0.25736  
11 'helical symmetry operation' ?     ?     0.97276620 0.21075225  0.09648654  -9.03997  -0.16883620 0.92946410  -0.32801133 -2.23981  -0.15880963 0.30278802  0.93973370  13.09673  
12 'helical symmetry operation' ?     ?     0.67758799 0.73424390  -0.04196025 2.90086   -0.23801367 0.16494878  -0.95715309 -8.21442  -0.69586224 0.65854267  0.28652723  26.22843  
13 'helical symmetry operation' ?     ?     0.35786600 0.74015807  -0.56929600 10.08333  0.24816212  -0.66313526 -0.70616366 -25.35791 -0.90019301 0.11143425  -0.42099274 23.94098  
14 'helical symmetry operation' ?     ?     0.36642753 0.22196889  -0.90358201 5.75338   0.75317409  -0.64096079 0.14797792  -34.27731 -0.54631440 -0.73477784 -0.40204674 8.05338   
15 'helical symmetry operation' ?     ?     0.69382460 -0.24847829 -0.67591836 -4.13862  0.71971845  0.20700181  0.66268751  -24.65529 -0.02474752 -0.94625996 0.32245759  -4.60699  
16 'helical symmetry operation' ?     ?     0.97875971 -0.15202397 -0.13754238 -7.50431  0.18471529  0.94498739  0.26996020  -6.63582  0.08893513  -0.28963245 0.95299690  -0.77415  
17 'helical symmetry operation' ?     ?     0.90679407 0.40489062  0.11742397  0.54259   -0.26143566 0.75859544  -0.59681243 0.37017   -0.33072072 0.51048728  0.79374250  14.61688  
18 'helical symmetry operation' ?     ?     0.55734471 0.80768461  -0.19238699 12.29405  -0.12638574 -0.14648287 -0.98110662 -10.89441 -0.82060577 0.57112969  0.02043816  23.87608  
19 'helical symmetry operation' ?     ?     0.31604510 0.61185652  -0.72508444 15.95388  0.44083098  -0.77145194 -0.45883643 -27.52420 -0.84010945 -0.17462652 -0.51353916 16.08019  
20 'helical symmetry operation' ?     ?     0.44918048 0.03351147  -0.89281233 8.65538   0.81426494  -0.42662960 0.39364926  -30.69311 -0.36770842 -0.90380535 -0.21892088 -0.87299  
21 'helical symmetry operation' ?     ?     0.80982969 -0.28912046 -0.51047564 -0.37514  0.58181506  0.50745646  0.63559385  -16.42974 0.07528114  -0.81172512 0.57916785  -8.98016  
22 'helical symmetry operation' ?     ?     0.80982969 0.58181506  0.07528114  10.53891  -0.28912046 0.50745646  -0.81172512 0.93950   -0.51047564 0.63559385  0.57916785  15.45216  
23 'helical symmetry operation' ?     ?     0.44918048 0.81426494  -0.36770842 20.78349  0.03351147  -0.42662960 -0.90380535 -14.17365 -0.89281233 0.39364926  -0.21892088 19.61883  
24 'helical symmetry operation' ?     ?     0.31604510 0.44083098  -0.84010945 20.60048  0.61185652  -0.77145194 -0.17462652 -28.18704 -0.72508444 -0.45883643 -0.51353916 7.19661   
25 'helical symmetry operation' ?     ?     0.55734471 -0.12638574 -0.82060577 11.36392  0.80768461  -0.14648287 0.57112969  -25.16188 -0.19238699 -0.98110662 0.02043816  -8.81135  
26 'helical symmetry operation' ?     ?     0.90679407 -0.26143566 -0.33072072 4.43886   0.40489062  0.75859544  0.51048728  -7.96222  0.11742397  -0.59681243 0.79374250  -11.44483 
27 'helical symmetry operation' ?     ?     0.97875971 0.18471529  0.08893513  8.63951   -0.15202397 0.94498739  -0.28963245 4.90570   -0.13754238 0.26996020  0.95299690  1.49701   
28 'helical symmetry operation' ?     ?     0.69382460 0.71971845  -0.02474752 20.50234  -0.24847829 0.20700181  -0.94625996 -0.28409  -0.67591836 0.66268751  0.32245759  15.02695  
29 'helical symmetry operation' ?     ?     0.36642753 0.75317409  -0.54631440 28.10827  0.22196889  -0.64096079 -0.73477784 -17.33005 -0.90358201 0.14797792  -0.40204674 13.50877  
30 'helical symmetry operation' ?     ?     0.35786600 0.24816212  -0.90019301 24.23589  0.74015807  -0.66313526 0.11143425  -26.94683 -0.56929600 -0.70616366 -0.42099274 -2.08746  
31 'helical symmetry operation' ?     ?     0.67758799 -0.23801367 -0.69586224 14.33064  0.73424390  0.16494878  0.65854267  -18.04751 -0.04196025 -0.95715309 0.28652723  -15.25590 
32 'helical symmetry operation' ?     ?     0.97276620 -0.16883620 -0.15880963 10.49549  0.21075225  0.92946410  0.30278802  0.02150   0.09648654  -0.32801133 0.93973370  -12.16989 
33 'helical symmetry operation' ?     ?     0.91765753 0.37935384  0.11830183  18.13480  -0.25261904 0.78673196  -0.56323748 7.79455   -0.30673813 0.48697383  0.81778251  3.05970   
34 'helical symmetry operation' ?     ?     0.57307709 0.80160455  -0.17033215 29.99033  -0.14451969 -0.10573579 -0.98383670 -2.83188  -0.80665790 0.58843074  0.05525271  12.92103  
35 'helical symmetry operation' ?     ?     0.31928518 0.63194221  -0.70619124 34.15104  0.41575842  -0.76306008 -0.49485793 -19.65668 -0.85158790 -0.13560413 -0.50636910 5.82634   
36 'helical symmetry operation' ?     ?     0.43635249 0.05759774  -0.89793039 27.19750  0.80992246  -0.45985426 0.36408735  -23.63856 -0.39194653 -0.88612442 -0.24730823 -11.10034 
37 'helical symmetry operation' ?     ?     0.79509025 -0.28761400 -0.53395642 17.97533  0.60299434  0.46928113  0.64511432  -9.90895  0.06503152  -0.83489691 0.54655062  -19.88498 
38 'helical symmetry operation' ?     ?     0.99961468 -0.02273613 -0.01593175 17.83371  0.02332918  0.99900201  0.03809718  6.85524   0.01504996  -0.03845406 0.99914731  -11.53864 
39 'helical symmetry operation' ?     ?     0.82422378 0.55992677  0.08448002  28.10101  -0.28938638 0.54473735  -0.78709337 8.62834   -0.48673441 0.62429357  0.61102086  4.02281   
40 'helical symmetry operation' ?     ?     0.46246962 0.81737957  -0.34352978 38.61888  0.00994328  -0.39221056 -0.91982204 -6.07198  -0.88657950 0.42197404  -0.18951305 8.92129   
41 'helical symmetry operation' ?     ?     0.99712938 -0.06053309 -0.04548255 -21.79871 0.06495131  0.99256507  0.10293551  -9.90337  0.03891330  -0.10559421 0.99364755  10.97932  
42 'helical symmetry operation' ?     ?     0.84822405 0.52051872  0.09785932  -12.04973 -0.28691758 0.60689835  -0.74118370 -6.69576  -0.44519039 0.60061238  0.66413160  26.64421  
43 'helical symmetry operation' ?     ?     0.48646988 0.81984837  -0.30198577 -1.10922  -0.02946477 -0.33004956 -0.94350323 -20.60225 -0.87320020 0.46788371  -0.13640232 32.77892  
44 'helical symmetry operation' ?     ?     0.31107899 0.50713281  -0.80377013 0.12157   0.55319812  -0.78431422 -0.28075560 -35.80203 -0.77278843 -0.35730684 -0.52452877 21.90822  
45 'helical symmetry operation' ?     ?     0.51560342 -0.07253235 -0.85375170 -8.54352  0.81807599  -0.25459334 0.51568725  -35.04707 -0.25476375 -0.96432397 -0.07193208 5.32311   
46 'helical symmetry operation' ?     ?     0.87434118 -0.27946047 -0.39677364 -16.37007 0.47286426  0.67454205  0.56691476  -18.69614 0.10921021  -0.68329701 0.72192677  0.62069   
47 'helical symmetry operation' ?     ?     0.99140849 0.11470357  0.06286772  -13.54904 -0.10148022 0.97774787  -0.18360553 -4.31889  -0.08252894 0.17564827  0.98098765  12.28500  
48 'helical symmetry operation' ?     ?     0.73761658 0.67498168  0.01793772  -2.02148  -0.27114256 0.32042359  -0.90764040 -7.30688  -0.61838802 0.66462704  0.41936584  26.73863  
49 'helical symmetry operation' ?     ?     0.39303613 0.78308104  -0.48198205 6.66351   0.15110816  -0.57204417 -0.80618348 -23.88838 -0.90702201 0.24402782  -0.34316397 27.32601  
50 'helical symmetry operation' ?     ?     0.33792747 0.31970975  -0.88520672 4.09374   0.69929819  -0.71477631 0.00880167  -35.29058 -0.62991054 -0.62199768 -0.46511516 12.69365  
51 'helical symmetry operation' ?     ?     0.63310568 -0.20378190 -0.74675993 -5.72287  0.76847567  0.04973901  0.63794343  -28.45626 -0.09285794 -0.97775233 0.18809131  -1.71631  
52 'helical symmetry operation' ?     ?     0.95282767 -0.20969607 -0.21942418 -10.78112 0.28229988  0.87782305  0.38695401  -10.45306 0.11147284  -0.43064391 0.89561128  -0.70712  
53 'helical symmetry operation' ?     ?     0.94426614 0.30849310  0.11486183  -4.32695  -0.22271209 0.85564858  -0.46718758 -0.67395  -0.24240577 0.41556819  0.87666528  13.90221  
54 'helical symmetry operation' ?     ?     0.61686907 0.77894029  -0.11280182 7.68927   -0.18925645 0.00768598  -0.98189717 -9.43626  -0.76397265 0.62705031  0.15216095  25.28431  
55 'helical symmetry operation' ?     ?     0.33193395 0.68248597  -0.65117780 13.17918  0.34574671  -0.73029960 -0.58916986 -26.59601 -0.87765531 -0.02957721 -0.47837835 20.17321  
56 'helical symmetry operation' ?     ?     0.40389960 0.12557138  -0.90614415 7.25650   0.79189765  -0.54390765 0.27760277  -32.74229 -0.45799945 -0.82969694 -0.31912395 3.50391   
57 'helical symmetry operation' ?     ?     0.75334896 -0.27722261 -0.59633318 -2.37074  0.65684774  0.36117066  0.66189696  -20.61801 0.03188559  -0.89033935 0.45418038  -7.03356  
58 'helical symmetry operation' ?     ?     0.99464857 -0.08139453 -0.06363574 -3.90635  0.08963101  0.98613973  0.13962677  -3.12850  0.05138928  -0.14458314 0.98815770  -0.51593  
59 'helical symmetry operation' ?     ?     0.86151319 0.49695053  0.10409215  5.51637   -0.28380294 0.64131739  -0.71285892 0.90011   -0.42101175 0.58459569  0.69353942  15.15898  
60 'helical symmetry operation' ?     ?     0.50086398 0.81958245  -0.27824454 16.67111  -0.05135307 -0.29276867 -0.95480350 -12.50354 -0.86400132 0.49251546  -0.10454931 21.98788  
61 'helical symmetry operation' ?     ?     0.31069367 0.53046200  -0.78872018 18.42019  0.53046200  -0.78531221 -0.31920966 -28.07357 -0.78872018 -0.31920966 -0.52538146 11.72946  
62 'helical symmetry operation' ?     ?     0.50086398 -0.05135307 -0.86400132 10.00550  0.81958245  -0.29276867 0.49251546  -28.15336 -0.27824454 -0.95480350 -0.10454931 -5.00096  
63 'helical symmetry operation' ?     ?     0.86151319 -0.28380294 -0.42101175 1.88514   0.49695053  0.64131739  0.58459569  -12.18050 0.10409215  -0.71285892 0.69353942  -10.44590 
64 'helical symmetry operation' ?     ?     0.99464857 0.08963101  0.05138928  4.19236   -0.08139453 0.98613973  -0.14458314 2.69261   -0.06363574 0.13962677  0.98815770  0.69806   
65 'helical symmetry operation' ?     ?     0.75334896 0.65684774  0.03188559  15.55315  -0.27722261 0.36117066  -0.89033935 0.52716   -0.59633318 0.66189696  0.45418038  15.42774  
66 'helical symmetry operation' ?     ?     0.40389960 0.79189765  -0.45799945 24.60243  0.12557138  -0.54390765 -0.82969694 -15.81280 -0.90614415 0.27760277  -0.31912395 16.78296  
67 'helical symmetry operation' ?     ?     0.33193395 0.34574671  -0.87765531 22.52599  0.68248597  -0.73029960 -0.02957721 -27.82101 -0.65117780 -0.58916986 -0.47837835 2.56285   
68 'helical symmetry operation' ?     ?     0.61686907 -0.18925645 -0.76397265 12.78738  0.77894029  0.00768598  0.62705031  -21.77150 -0.11280182 -0.98189717 0.15216095  -12.24535 
69 'helical symmetry operation' ?     ?     0.94426614 -0.22271209 -0.24240577 7.30568   0.30849310  0.85564858  0.41556819  -3.86583  0.11486183  -0.46718758 0.87666528  -12.00544 
70 'helical symmetry operation' ?     ?     0.95282767 0.28229988  0.11147284  13.30227  -0.20969607 0.87782305  -0.43064391 6.61066   -0.21942418 0.38695401  0.89561128  2.31252   
71 'helical symmetry operation' ?     ?     0.63310568 0.76847567  -0.09285794 25.33174  -0.20378190 0.04973901  -0.97775233 -1.42895  -0.74675993 0.63794343  0.18809131  14.20270  
72 'helical symmetry operation' ?     ?     0.33792747 0.69929819  -0.62991054 31.29111  0.31970975  -0.71477631 -0.62199768 -18.63824 -0.88520672 0.00880167  -0.46511516 9.83843   
73 'helical symmetry operation' ?     ?     0.39303613 0.15110816  -0.90702201 25.77602  0.78308104  -0.57204417 0.24402782  -25.55159 -0.48198205 -0.80618348 -0.34316397 -6.66943  
74 'helical symmetry operation' ?     ?     0.73761658 -0.27114256 -0.61838802 16.04471  0.67498168  0.32042359  0.66462704  -14.06545 0.01793772  -0.90764040 0.41936584  -17.80903 
75 'helical symmetry operation' ?     ?     0.99140849 -0.10148022 -0.08252894 14.00822  0.11470357  0.97774787  0.17564827  3.61907   0.06286772  -0.18360553 0.98098765  -11.99261 
76 'helical symmetry operation' ?     ?     0.87434118 0.47286426  0.10921021  23.08598  -0.27946047 0.67454205  -0.68329701 8.46066   -0.39677364 0.56691476  0.72192677  3.65581   
77 'helical symmetry operation' ?     ?     0.51560342 0.81807599  -0.25476375 34.43237  -0.07253235 -0.25459334 -0.96432397 -4.40924  -0.85375170 0.51568725  -0.07193208 11.16219  
78 'helical symmetry operation' ?     ?     0.31107899 0.55319812  -0.77278843 36.69821  0.50713281  -0.78431422 -0.35730684 -20.31372 -0.80377013 -0.28075560 -0.52452877 1.53758   
79 'helical symmetry operation' ?     ?     0.48646988 -0.02946477 -0.87320020 28.55513  0.81984837  -0.33004956 0.46788371  -21.22711 -0.30198577 -0.94350323 -0.13640232 -15.30213 
80 'helical symmetry operation' ?     ?     0.84822405 -0.28691758 -0.44519039 20.16148  0.52051872  0.60689835  0.60061238  -5.66708  0.09785932  -0.74118370 0.66413160  -21.47888  
# 
loop_
_struct_conn.id 
_struct_conn.conn_type_id 
_struct_conn.pdbx_leaving_atom_flag 
_struct_conn.pdbx_PDB_id 
_struct_conn.ptnr1_label_asym_id 
_struct_conn.ptnr1_label_comp_id 
_struct_conn.ptnr1_label_seq_id 
_struct_conn.ptnr1_label_atom_id 
_struct_conn.pdbx_ptnr1_label_alt_id 
_struct_conn.pdbx_ptnr1_PDB_ins_code 
_struct_conn.pdbx_ptnr1_standard_comp_id 
_struct_conn.ptnr1_symmetry 
_struct_conn.ptnr2_label_asym_id 
_struct_conn.ptnr2_label_comp_id 
_struct_conn.ptnr2_label_seq_id 
_struct_conn.ptnr2_label_atom_id 
_struct_conn.pdbx_ptnr2_label_alt_id 
_struct_conn.pdbx_ptnr2_PDB_ins_code 
_struct_conn.ptnr1_auth_asym_id 
_struct_conn.ptnr1_auth_comp_id 
_struct_conn.ptnr1_auth_seq_id 
_struct_conn.ptnr2_auth_asym_id 
_struct_conn.ptnr2_auth_comp_id 
_struct_conn.ptnr2_auth_seq_id 
_struct_conn.ptnr2_symmetry 
_struct_conn.pdbx_ptnr3_label_atom_id 
_struct_conn.pdbx_ptnr3_label_seq_id 
_struct_conn.pdbx_ptnr3_label_comp_id 
_struct_conn.pdbx_ptnr3_label_asym_id 
_struct_conn.pdbx_ptnr3_label_alt_id 
_struct_conn.pdbx_ptnr3_PDB_ins_code 
_struct_conn.details 
_struct_conn.pdbx_dist_value 
_struct_conn.pdbx_value_order 
_struct_conn.pdbx_role 
covale1 covale both ? A A1APX 1 C ? ? ? 1_555 A DPN 2 N ? ? A A1APX 1 A DPN 2 1_555 ? ? ? ? ? ? ? 1.428 ? ? 
covale2 covale both ? A DPN   2 C ? ? ? 1_555 A DPN 3 N ? ? A DPN   2 A DPN 3 1_555 ? ? ? ? ? ? ? 1.324 ? ? 
covale3 covale both ? A DPN   3 C ? ? ? 1_555 A DSN 4 N ? ? A DPN   3 A DSN 4 1_555 ? ? ? ? ? ? ? 1.329 ? ? 
covale4 covale both ? A DSN   4 C ? ? ? 1_555 A DTY 5 N ? ? A DSN   4 A DTY 5 1_555 ? ? ? ? ? ? ? 1.318 ? ? 
# 
_struct_conn_type.id          covale 
_struct_conn_type.criteria    ? 
_struct_conn_type.reference   ? 
# 
_pdbx_modification_feature.ordinal                            1 
_pdbx_modification_feature.label_comp_id                      A1APX 
_pdbx_modification_feature.label_asym_id                      A 
_pdbx_modification_feature.label_seq_id                       1 
_pdbx_modification_feature.label_alt_id                       ? 
_pdbx_modification_feature.modified_residue_label_comp_id     . 
_pdbx_modification_feature.modified_residue_label_asym_id     . 
_pdbx_modification_feature.modified_residue_label_seq_id      . 
_pdbx_modification_feature.modified_residue_label_alt_id      . 
_pdbx_modification_feature.auth_comp_id                       A1APX 
_pdbx_modification_feature.auth_asym_id                       A 
_pdbx_modification_feature.auth_seq_id                        1 
_pdbx_modification_feature.PDB_ins_code                       ? 
_pdbx_modification_feature.symmetry                           1_555 
_pdbx_modification_feature.modified_residue_auth_comp_id      . 
_pdbx_modification_feature.modified_residue_auth_asym_id      . 
_pdbx_modification_feature.modified_residue_auth_seq_id       . 
_pdbx_modification_feature.modified_residue_PDB_ins_code      . 
_pdbx_modification_feature.modified_residue_symmetry          . 
_pdbx_modification_feature.comp_id_linking_atom               . 
_pdbx_modification_feature.modified_residue_id_linking_atom   . 
_pdbx_modification_feature.modified_residue_id                ? 
_pdbx_modification_feature.ref_pcm_id                         1 
_pdbx_modification_feature.ref_comp_id                        A1APX 
_pdbx_modification_feature.type                               None 
_pdbx_modification_feature.category                           'Non-standard residue' 
# 
_pdbx_entry_details.entry_id                   9BJO 
_pdbx_entry_details.has_ligand_of_interest     Y 
_pdbx_entry_details.compound_details           ? 
_pdbx_entry_details.source_details             ? 
_pdbx_entry_details.nonpolymer_details         ? 
_pdbx_entry_details.sequence_details           ? 
_pdbx_entry_details.has_protein_modification   Y 
# 
_pdbx_validate_close_contact.id               1 
_pdbx_validate_close_contact.PDB_model_num    1 
_pdbx_validate_close_contact.auth_atom_id_1   O 
_pdbx_validate_close_contact.auth_asym_id_1   A 
_pdbx_validate_close_contact.auth_comp_id_1   A1APX 
_pdbx_validate_close_contact.auth_seq_id_1    1 
_pdbx_validate_close_contact.PDB_ins_code_1   ? 
_pdbx_validate_close_contact.label_alt_id_1   ? 
_pdbx_validate_close_contact.auth_atom_id_2   N 
_pdbx_validate_close_contact.auth_asym_id_2   A 
_pdbx_validate_close_contact.auth_comp_id_2   DPN 
_pdbx_validate_close_contact.auth_seq_id_2    2 
_pdbx_validate_close_contact.PDB_ins_code_2   ? 
_pdbx_validate_close_contact.label_alt_id_2   ? 
_pdbx_validate_close_contact.dist             1.71 
# 
_pdbx_validate_rmsd_angle.id                         1 
_pdbx_validate_rmsd_angle.PDB_model_num              1 
_pdbx_validate_rmsd_angle.auth_atom_id_1             O 
_pdbx_validate_rmsd_angle.auth_asym_id_1             A 
_pdbx_validate_rmsd_angle.auth_comp_id_1             A1APX 
_pdbx_validate_rmsd_angle.auth_seq_id_1              1 
_pdbx_validate_rmsd_angle.PDB_ins_code_1             ? 
_pdbx_validate_rmsd_angle.label_alt_id_1             ? 
_pdbx_validate_rmsd_angle.auth_atom_id_2             C 
_pdbx_validate_rmsd_angle.auth_asym_id_2             A 
_pdbx_validate_rmsd_angle.auth_comp_id_2             A1APX 
_pdbx_validate_rmsd_angle.auth_seq_id_2              1 
_pdbx_validate_rmsd_angle.PDB_ins_code_2             ? 
_pdbx_validate_rmsd_angle.label_alt_id_2             ? 
_pdbx_validate_rmsd_angle.auth_atom_id_3             N 
_pdbx_validate_rmsd_angle.auth_asym_id_3             A 
_pdbx_validate_rmsd_angle.auth_comp_id_3             DPN 
_pdbx_validate_rmsd_angle.auth_seq_id_3              2 
_pdbx_validate_rmsd_angle.PDB_ins_code_3             ? 
_pdbx_validate_rmsd_angle.label_alt_id_3             ? 
_pdbx_validate_rmsd_angle.angle_value                79.32 
_pdbx_validate_rmsd_angle.angle_target_value         122.70 
_pdbx_validate_rmsd_angle.angle_deviation            -43.38 
_pdbx_validate_rmsd_angle.angle_standard_deviation   1.60 
_pdbx_validate_rmsd_angle.linker_flag                Y 
# 
_pdbx_helical_symmetry.entry_id                  9BJO 
_pdbx_helical_symmetry.number_of_operations      80 
_pdbx_helical_symmetry.rotation_per_n_subunits   63.370 
_pdbx_helical_symmetry.rise_per_n_subunits       1.312 
_pdbx_helical_symmetry.n_subunits_divisor        1 
_pdbx_helical_symmetry.dyad_axis                 no 
_pdbx_helical_symmetry.circular_symmetry         2 
# 
_em_3d_fitting.id                1 
_em_3d_fitting.entry_id          9BJO 
_em_3d_fitting.method            ? 
_em_3d_fitting.target_criteria   ? 
_em_3d_fitting.details           ? 
_em_3d_fitting.overall_b_value   ? 
_em_3d_fitting.ref_space         ? 
_em_3d_fitting.ref_protocol      ? 
# 
_em_3d_reconstruction.entry_id                    9BJO 
_em_3d_reconstruction.id                          1 
_em_3d_reconstruction.method                      ? 
_em_3d_reconstruction.algorithm                   ? 
_em_3d_reconstruction.citation_id                 ? 
_em_3d_reconstruction.details                     ? 
_em_3d_reconstruction.resolution                  2.8 
_em_3d_reconstruction.resolution_method           'FSC 0.143 CUT-OFF' 
_em_3d_reconstruction.magnification_calibration   ? 
_em_3d_reconstruction.nominal_pixel_size          ? 
_em_3d_reconstruction.actual_pixel_size           ? 
_em_3d_reconstruction.num_particles               3485262 
_em_3d_reconstruction.euler_angles_details        ? 
_em_3d_reconstruction.num_class_averages          ? 
_em_3d_reconstruction.refinement_type             ? 
_em_3d_reconstruction.image_processing_id         1 
_em_3d_reconstruction.symmetry_type               HELICAL 
# 
_em_buffer.id            1 
_em_buffer.specimen_id   1 
_em_buffer.name          ? 
_em_buffer.details       ? 
_em_buffer.pH            7 
# 
_em_entity_assembly.id                   1 
_em_entity_assembly.parent_id            0 
_em_entity_assembly.source               NATURAL 
_em_entity_assembly.type                 COMPLEX 
_em_entity_assembly.name                 'ffsy fiber' 
_em_entity_assembly.details              ? 
_em_entity_assembly.synonym              ? 
_em_entity_assembly.oligomeric_details   ? 
_em_entity_assembly.entity_id_list       1 
# 
_em_imaging.entry_id                        9BJO 
_em_imaging.id                              1 
_em_imaging.astigmatism                     ? 
_em_imaging.electron_beam_tilt_params       ? 
_em_imaging.residual_tilt                   ? 
_em_imaging.microscope_model                'FEI TITAN KRIOS' 
_em_imaging.specimen_holder_type            ? 
_em_imaging.specimen_holder_model           ? 
_em_imaging.details                         ? 
_em_imaging.date                            ? 
_em_imaging.accelerating_voltage            300 
_em_imaging.illumination_mode               'FLOOD BEAM' 
_em_imaging.mode                            'BRIGHT FIELD' 
_em_imaging.nominal_cs                      ? 
_em_imaging.nominal_defocus_min             1000 
_em_imaging.nominal_defocus_max             2000 
_em_imaging.calibrated_defocus_min          ? 
_em_imaging.calibrated_defocus_max          ? 
_em_imaging.tilt_angle_min                  ? 
_em_imaging.tilt_angle_max                  ? 
_em_imaging.nominal_magnification           ? 
_em_imaging.calibrated_magnification        ? 
_em_imaging.electron_source                 'FIELD EMISSION GUN' 
_em_imaging.citation_id                     ? 
_em_imaging.temperature                     ? 
_em_imaging.detector_distance               ? 
_em_imaging.recording_temperature_minimum   ? 
_em_imaging.recording_temperature_maximum   ? 
_em_imaging.alignment_procedure             ? 
_em_imaging.c2_aperture_diameter            ? 
_em_imaging.specimen_id                     1 
_em_imaging.cryogen                         ? 
# 
_em_vitrification.entry_id              9BJO 
_em_vitrification.id                    1 
_em_vitrification.specimen_id           1 
_em_vitrification.cryogen_name          ETHANE 
_em_vitrification.humidity              ? 
_em_vitrification.temp                  ? 
_em_vitrification.chamber_temperature   ? 
_em_vitrification.instrument            ? 
_em_vitrification.method                ? 
_em_vitrification.time_resolved_state   ? 
_em_vitrification.citation_id           ? 
_em_vitrification.details               ? 
# 
_em_experiment.entry_id                9BJO 
_em_experiment.id                      1 
_em_experiment.reconstruction_method   HELICAL 
_em_experiment.aggregation_state       FILAMENT 
_em_experiment.entity_assembly_id      1 
# 
loop_
_chem_comp_atom.comp_id 
_chem_comp_atom.atom_id 
_chem_comp_atom.type_symbol 
_chem_comp_atom.pdbx_aromatic_flag 
_chem_comp_atom.pdbx_stereo_config 
_chem_comp_atom.pdbx_ordinal 
A1APX C12 C Y N 1  
A1APX C13 C Y N 2  
A1APX C14 C Y N 3  
A1APX C15 C Y N 4  
A1APX C16 C Y N 5  
A1APX C17 C Y N 6  
A1APX C   C N N 7  
A1APX O   O N N 8  
A1APX C04 C Y N 9  
A1APX C05 C Y N 10 
A1APX C06 C Y N 11 
A1APX C07 C Y N 12 
A1APX C08 C Y N 13 
A1APX C09 C Y N 14 
A1APX N10 N N N 15 
A1APX N11 N N N 16 
A1APX O1  O N N 17 
A1APX H1  H N N 18 
A1APX H2  H N N 19 
A1APX H3  H N N 20 
A1APX H4  H N N 21 
A1APX H5  H N N 22 
A1APX H6  H N N 23 
A1APX H7  H N N 24 
A1APX H8  H N N 25 
A1APX H9  H N N 26 
A1APX H10 H N N 27 
DPN   N   N N N 28 
DPN   CA  C N R 29 
DPN   C   C N N 30 
DPN   O   O N N 31 
DPN   OXT O N N 32 
DPN   CB  C N N 33 
DPN   CG  C Y N 34 
DPN   CD1 C Y N 35 
DPN   CD2 C Y N 36 
DPN   CE1 C Y N 37 
DPN   CE2 C Y N 38 
DPN   CZ  C Y N 39 
DPN   H   H N N 40 
DPN   H2  H N N 41 
DPN   HA  H N N 42 
DPN   HXT H N N 43 
DPN   HB2 H N N 44 
DPN   HB3 H N N 45 
DPN   HD1 H N N 46 
DPN   HD2 H N N 47 
DPN   HE1 H N N 48 
DPN   HE2 H N N 49 
DPN   HZ  H N N 50 
DSN   N   N N N 51 
DSN   CA  C N R 52 
DSN   C   C N N 53 
DSN   O   O N N 54 
DSN   OXT O N N 55 
DSN   CB  C N N 56 
DSN   OG  O N N 57 
DSN   H   H N N 58 
DSN   H2  H N N 59 
DSN   HA  H N N 60 
DSN   HXT H N N 61 
DSN   HB2 H N N 62 
DSN   HB3 H N N 63 
DSN   HG  H N N 64 
DTY   N   N N N 65 
DTY   CA  C N R 66 
DTY   C   C N N 67 
DTY   O   O N N 68 
DTY   CB  C N N 69 
DTY   CG  C Y N 70 
DTY   CD1 C Y N 71 
DTY   CD2 C Y N 72 
DTY   CE1 C Y N 73 
DTY   CE2 C Y N 74 
DTY   CZ  C Y N 75 
DTY   OH  O N N 76 
DTY   OXT O N N 77 
DTY   H   H N N 78 
DTY   H2  H N N 79 
DTY   HA  H N N 80 
DTY   HB2 H N N 81 
DTY   HB3 H N N 82 
DTY   HD1 H N N 83 
DTY   HD2 H N N 84 
DTY   HE1 H N N 85 
DTY   HE2 H N N 86 
DTY   HH  H N N 87 
DTY   HXT H N N 88 
# 
loop_
_chem_comp_bond.comp_id 
_chem_comp_bond.atom_id_1 
_chem_comp_bond.atom_id_2 
_chem_comp_bond.value_order 
_chem_comp_bond.pdbx_aromatic_flag 
_chem_comp_bond.pdbx_stereo_config 
_chem_comp_bond.pdbx_ordinal 
A1APX C14 C13 doub Y N 1  
A1APX C14 C15 sing Y N 2  
A1APX C13 C12 sing Y N 3  
A1APX C15 C16 doub Y N 4  
A1APX C12 N11 sing N N 5  
A1APX C12 C17 doub Y N 6  
A1APX C16 C17 sing Y N 7  
A1APX N11 N10 doub N N 8  
A1APX C06 C05 doub Y N 9  
A1APX C06 C09 sing Y N 10 
A1APX C05 C04 sing Y N 11 
A1APX N10 C09 sing N N 12 
A1APX C09 C08 doub Y N 13 
A1APX O   C   doub N N 14 
A1APX C04 C   sing N N 15 
A1APX C04 C07 doub Y N 16 
A1APX C08 C07 sing Y N 17 
A1APX C   O1  sing N N 18 
A1APX C13 H1  sing N N 19 
A1APX C14 H2  sing N N 20 
A1APX C15 H3  sing N N 21 
A1APX C16 H4  sing N N 22 
A1APX C17 H5  sing N N 23 
A1APX C05 H6  sing N N 24 
A1APX C06 H7  sing N N 25 
A1APX C07 H8  sing N N 26 
A1APX C08 H9  sing N N 27 
A1APX O1  H10 sing N N 28 
DPN   N   CA  sing N N 29 
DPN   N   H   sing N N 30 
DPN   N   H2  sing N N 31 
DPN   CA  C   sing N N 32 
DPN   CA  CB  sing N N 33 
DPN   CA  HA  sing N N 34 
DPN   C   O   doub N N 35 
DPN   C   OXT sing N N 36 
DPN   OXT HXT sing N N 37 
DPN   CB  CG  sing N N 38 
DPN   CB  HB2 sing N N 39 
DPN   CB  HB3 sing N N 40 
DPN   CG  CD1 doub Y N 41 
DPN   CG  CD2 sing Y N 42 
DPN   CD1 CE1 sing Y N 43 
DPN   CD1 HD1 sing N N 44 
DPN   CD2 CE2 doub Y N 45 
DPN   CD2 HD2 sing N N 46 
DPN   CE1 CZ  doub Y N 47 
DPN   CE1 HE1 sing N N 48 
DPN   CE2 CZ  sing Y N 49 
DPN   CE2 HE2 sing N N 50 
DPN   CZ  HZ  sing N N 51 
DSN   N   CA  sing N N 52 
DSN   N   H   sing N N 53 
DSN   N   H2  sing N N 54 
DSN   CA  C   sing N N 55 
DSN   CA  CB  sing N N 56 
DSN   CA  HA  sing N N 57 
DSN   C   O   doub N N 58 
DSN   C   OXT sing N N 59 
DSN   OXT HXT sing N N 60 
DSN   CB  OG  sing N N 61 
DSN   CB  HB2 sing N N 62 
DSN   CB  HB3 sing N N 63 
DSN   OG  HG  sing N N 64 
DTY   N   CA  sing N N 65 
DTY   N   H   sing N N 66 
DTY   N   H2  sing N N 67 
DTY   CA  C   sing N N 68 
DTY   CA  CB  sing N N 69 
DTY   CA  HA  sing N N 70 
DTY   C   O   doub N N 71 
DTY   C   OXT sing N N 72 
DTY   CB  CG  sing N N 73 
DTY   CB  HB2 sing N N 74 
DTY   CB  HB3 sing N N 75 
DTY   CG  CD1 doub Y N 76 
DTY   CG  CD2 sing Y N 77 
DTY   CD1 CE1 sing Y N 78 
DTY   CD1 HD1 sing N N 79 
DTY   CD2 CE2 doub Y N 80 
DTY   CD2 HD2 sing N N 81 
DTY   CE1 CZ  doub Y N 82 
DTY   CE1 HE1 sing N N 83 
DTY   CE2 CZ  sing Y N 84 
DTY   CE2 HE2 sing N N 85 
DTY   CZ  OH  sing N N 86 
DTY   OH  HH  sing N N 87 
DTY   OXT HXT sing N N 88 
# 
_em_admin.current_status     REL 
_em_admin.deposition_date    2024-04-25 
_em_admin.deposition_site    RCSB 
_em_admin.entry_id           9BJO 
_em_admin.last_update        2024-10-23 
_em_admin.map_release_date   2024-09-18 
_em_admin.title              'Cryo-EM of Azo-ffsy fiber' 
# 
_em_ctf_correction.details                  ? 
_em_ctf_correction.em_image_processing_id   1 
_em_ctf_correction.id                       1 
_em_ctf_correction.type                     'PHASE FLIPPING AND AMPLITUDE CORRECTION' 
# 
_em_entity_assembly_naturalsource.cell                 ? 
_em_entity_assembly_naturalsource.cellular_location    ? 
_em_entity_assembly_naturalsource.entity_assembly_id   1 
_em_entity_assembly_naturalsource.id                   2 
_em_entity_assembly_naturalsource.ncbi_tax_id          32630 
_em_entity_assembly_naturalsource.organism             'synthetic construct' 
_em_entity_assembly_naturalsource.organelle            ? 
_em_entity_assembly_naturalsource.organ                ? 
_em_entity_assembly_naturalsource.strain               ? 
_em_entity_assembly_naturalsource.tissue               ? 
_em_entity_assembly_naturalsource.details              ? 
# 
_em_helical_entity.id                             1 
_em_helical_entity.image_processing_id            1 
_em_helical_entity.details                        ? 
_em_helical_entity.axial_symmetry                 C2 
_em_helical_entity.angular_rotation_per_subunit   63.370 
_em_helical_entity.axial_rise_per_subunit         1.312 
# 
_em_image_processing.details              ? 
_em_image_processing.id                   1 
_em_image_processing.image_recording_id   1 
# 
_em_image_recording.average_exposure_time               ? 
_em_image_recording.avg_electron_dose_per_subtomogram   ? 
_em_image_recording.avg_electron_dose_per_image         50 
_em_image_recording.details                             ? 
_em_image_recording.detector_mode                       ? 
_em_image_recording.film_or_detector_model              'GATAN K3 (6k x 4k)' 
_em_image_recording.id                                  1 
_em_image_recording.imaging_id                          1 
_em_image_recording.num_diffraction_images              ? 
_em_image_recording.num_grids_imaged                    ? 
_em_image_recording.num_real_images                     ? 
# 
loop_
_em_software.category 
_em_software.details 
_em_software.id 
_em_software.image_processing_id 
_em_software.fitting_id 
_em_software.imaging_id 
_em_software.name 
_em_software.version 
'PARTICLE SELECTION'       ? 1  1 ? ? ? ? 
'IMAGE ACQUISITION'        ? 2  ? ? 1 ? ? 
MASKING                    ? 3  ? ? ? ? ? 
'CTF CORRECTION'           ? 4  1 ? ? ? ? 
'LAYERLINE INDEXING'       ? 5  ? ? ? ? ? 
'DIFFRACTION INDEXING'     ? 6  ? ? ? ? ? 
'MODEL FITTING'            ? 7  ? ? ? ? ? 
'MODEL REFINEMENT'         ? 8  ? ? ? ? ? 
OTHER                      ? 9  ? ? ? ? ? 
'INITIAL EULER ASSIGNMENT' ? 10 1 ? ? ? ? 
'FINAL EULER ASSIGNMENT'   ? 11 1 ? ? ? ? 
CLASSIFICATION             ? 12 1 ? ? ? ? 
RECONSTRUCTION             ? 13 1 ? ? ? ? 
# 
_em_specimen.concentration           ? 
_em_specimen.details                 ? 
_em_specimen.embedding_applied       NO 
_em_specimen.experiment_id           1 
_em_specimen.id                      1 
_em_specimen.shadowing_applied       NO 
_em_specimen.staining_applied        NO 
_em_specimen.vitrification_applied   YES 
# 
loop_
_pdbx_audit_support.funding_organization 
_pdbx_audit_support.country 
_pdbx_audit_support.grant_number 
_pdbx_audit_support.ordinal 
'National Institutes of Health/National Institute of General Medical Sciences (NIH/NIGMS)' 'United States' GM138756 1 
'National Institutes of Health/National Cancer Institute (NIH/NCI)'                        'United States' CA142746 2 
# 
_atom_sites.entry_id                    9BJO 
_atom_sites.Cartn_transf_matrix[1][1]   ? 
_atom_sites.Cartn_transf_matrix[1][2]   ? 
_atom_sites.Cartn_transf_matrix[1][3]   ? 
_atom_sites.Cartn_transf_matrix[2][1]   ? 
_atom_sites.Cartn_transf_matrix[2][2]   ? 
_atom_sites.Cartn_transf_matrix[2][3]   ? 
_atom_sites.Cartn_transf_matrix[3][1]   ? 
_atom_sites.Cartn_transf_matrix[3][2]   ? 
_atom_sites.Cartn_transf_matrix[3][3]   ? 
_atom_sites.Cartn_transf_vector[1]      ? 
_atom_sites.Cartn_transf_vector[2]      ? 
_atom_sites.Cartn_transf_vector[3]      ? 
_atom_sites.Cartn_transform_axes        ? 
_atom_sites.fract_transf_matrix[1][1]   1.000000 
_atom_sites.fract_transf_matrix[1][2]   0.000000 
_atom_sites.fract_transf_matrix[1][3]   0.000000 
_atom_sites.fract_transf_matrix[2][1]   0.000000 
_atom_sites.fract_transf_matrix[2][2]   1.000000 
_atom_sites.fract_transf_matrix[2][3]   0.000000 
_atom_sites.fract_transf_matrix[3][1]   0.000000 
_atom_sites.fract_transf_matrix[3][2]   0.000000 
_atom_sites.fract_transf_matrix[3][3]   1.000000 
_atom_sites.fract_transf_vector[1]      0.00000 
_atom_sites.fract_transf_vector[2]      0.00000 
_atom_sites.fract_transf_vector[3]      0.00000 
_atom_sites.solution_primary            ? 
_atom_sites.solution_secondary          ? 
_atom_sites.solution_hydrogens          ? 
_atom_sites.special_details             ? 
# 
loop_
_atom_type.symbol 
C 
N 
O 
# 
loop_
_atom_site.group_PDB 
_atom_site.id 
_atom_site.type_symbol 
_atom_site.label_atom_id 
_atom_site.label_alt_id 
_atom_site.label_comp_id 
_atom_site.label_asym_id 
_atom_site.label_entity_id 
_atom_site.label_seq_id 
_atom_site.pdbx_PDB_ins_code 
_atom_site.Cartn_x 
_atom_site.Cartn_y 
_atom_site.Cartn_z 
_atom_site.occupancy 
_atom_site.B_iso_or_equiv 
_atom_site.pdbx_formal_charge 
_atom_site.auth_seq_id 
_atom_site.auth_comp_id 
_atom_site.auth_asym_id 
_atom_site.auth_atom_id 
_atom_site.pdbx_PDB_model_num 
HETATM 1  C C12 . A1APX A 1 1 ? 9.891  -9.699  -2.189 1.00 102.14 ? 1 A1APX A C12 1 
HETATM 2  C C13 . A1APX A 1 1 ? 10.436 -10.658 -3.004 1.00 102.14 ? 1 A1APX A C13 1 
HETATM 3  C C14 . A1APX A 1 1 ? 11.583 -11.317 -2.623 1.00 102.14 ? 1 A1APX A C14 1 
HETATM 4  C C15 . A1APX A 1 1 ? 12.182 -11.018 -1.425 1.00 102.14 ? 1 A1APX A C15 1 
HETATM 5  C C16 . A1APX A 1 1 ? 11.630 -10.059 -0.611 1.00 102.14 ? 1 A1APX A C16 1 
HETATM 6  C C17 . A1APX A 1 1 ? 10.481 -9.402  -0.988 1.00 102.14 ? 1 A1APX A C17 1 
HETATM 7  C C   . A1APX A 1 1 ? 3.547  -5.173  -2.672 1.00 102.14 ? 1 A1APX A C   1 
HETATM 8  O O   . A1APX A 1 1 ? 3.137  -5.048  -3.844 1.00 102.14 ? 1 A1APX A O   1 
HETATM 9  C C04 . A1APX A 1 1 ? 4.806  -5.978  -2.449 1.00 102.14 ? 1 A1APX A C04 1 
HETATM 10 C C05 . A1APX A 1 1 ? 5.208  -6.893  -3.387 1.00 102.14 ? 1 A1APX A C05 1 
HETATM 11 C C06 . A1APX A 1 1 ? 6.353  -7.629  -3.183 1.00 102.14 ? 1 A1APX A C06 1 
HETATM 12 C C07 . A1APX A 1 1 ? 5.524  -5.793  -1.302 1.00 102.14 ? 1 A1APX A C07 1 
HETATM 13 C C08 . A1APX A 1 1 ? 6.666  -6.530  -1.098 1.00 102.14 ? 1 A1APX A C08 1 
HETATM 14 C C09 . A1APX A 1 1 ? 7.076  -7.447  -2.033 1.00 102.14 ? 1 A1APX A C09 1 
HETATM 15 N N10 . A1APX A 1 1 ? 8.281  -8.195  -1.782 1.00 102.14 ? 1 A1APX A N10 1 
HETATM 16 N N11 . A1APX A 1 1 ? 8.687  -9.009  -2.564 1.00 102.14 ? 1 A1APX A N11 1 
HETATM 17 N N   . DPN   A 1 2 ? 3.695  -3.765  -2.856 1.00 99.95  ? 2 DPN   A N   1 
HETATM 18 C CA  . DPN   A 1 2 ? 2.506  -2.937  -2.900 1.00 99.95  ? 2 DPN   A CA  1 
HETATM 19 C C   . DPN   A 1 2 ? 2.398  -2.117  -1.645 1.00 99.95  ? 2 DPN   A C   1 
HETATM 20 O O   . DPN   A 1 2 ? 3.378  -1.555  -1.180 1.00 99.95  ? 2 DPN   A O   1 
HETATM 21 C CB  . DPN   A 1 2 ? 2.537  -2.024  -4.106 1.00 99.95  ? 2 DPN   A CB  1 
HETATM 22 C CG  . DPN   A 1 2 ? 1.202  -1.551  -4.535 1.00 99.95  ? 2 DPN   A CG  1 
HETATM 23 C CD1 . DPN   A 1 2 ? 0.459  -2.280  -5.416 1.00 99.95  ? 2 DPN   A CD1 1 
HETATM 24 C CD2 . DPN   A 1 2 ? 0.696  -0.370  -4.070 1.00 99.95  ? 2 DPN   A CD2 1 
HETATM 25 C CE1 . DPN   A 1 2 ? -0.754 -1.842  -5.823 1.00 99.95  ? 2 DPN   A CE1 1 
HETATM 26 C CE2 . DPN   A 1 2 ? -0.520 0.066   -4.479 1.00 99.95  ? 2 DPN   A CE2 1 
HETATM 27 C CZ  . DPN   A 1 2 ? -1.247 -0.672  -5.351 1.00 99.95  ? 2 DPN   A CZ  1 
HETATM 28 N N   . DPN   A 1 3 ? 1.186  -2.017  -1.120 1.00 99.83  ? 3 DPN   A N   1 
HETATM 29 C CA  . DPN   A 1 3 ? 0.944  -1.427  0.184  1.00 99.83  ? 3 DPN   A CA  1 
HETATM 30 C C   . DPN   A 1 3 ? -0.176 -0.408  0.057  1.00 99.83  ? 3 DPN   A C   1 
HETATM 31 O O   . DPN   A 1 3 ? -1.350 -0.780  0.059  1.00 99.83  ? 3 DPN   A O   1 
HETATM 32 C CB  . DPN   A 1 3 ? 0.568  -2.521  1.170  1.00 99.83  ? 3 DPN   A CB  1 
HETATM 33 C CG  . DPN   A 1 3 ? 1.734  -3.292  1.690  1.00 99.83  ? 3 DPN   A CG  1 
HETATM 34 C CD1 . DPN   A 1 3 ? 2.020  -4.534  1.187  1.00 99.83  ? 3 DPN   A CD1 1 
HETATM 35 C CD2 . DPN   A 1 3 ? 2.514  -2.804  2.701  1.00 99.83  ? 3 DPN   A CD2 1 
HETATM 36 C CE1 . DPN   A 1 3 ? 3.068  -5.257  1.663  1.00 99.83  ? 3 DPN   A CE1 1 
HETATM 37 C CE2 . DPN   A 1 3 ? 3.561  -3.536  3.181  1.00 99.83  ? 3 DPN   A CE2 1 
HETATM 38 C CZ  . DPN   A 1 3 ? 3.837  -4.761  2.656  1.00 99.83  ? 3 DPN   A CZ  1 
HETATM 39 N N   . DSN   A 1 4 ? 0.180  0.869   -0.033 1.00 98.11  ? 4 DSN   A N   1 
HETATM 40 C CA  . DSN   A 1 4 ? -0.787 1.943   -0.258 1.00 98.11  ? 4 DSN   A CA  1 
HETATM 41 C C   . DSN   A 1 4 ? -1.174 2.530   1.089  1.00 98.11  ? 4 DSN   A C   1 
HETATM 42 O O   . DSN   A 1 4 ? -0.559 3.469   1.583  1.00 98.11  ? 4 DSN   A O   1 
HETATM 43 C CB  . DSN   A 1 4 ? -0.238 2.998   -1.153 1.00 98.11  ? 4 DSN   A CB  1 
HETATM 44 O OG  . DSN   A 1 4 ? -0.016 2.492   -2.446 1.00 98.11  ? 4 DSN   A OG  1 
HETATM 45 N N   . DTY   A 1 5 ? -2.226 1.987   1.669  1.00 99.18  ? 5 DTY   A N   1 
HETATM 46 C CA  . DTY   A 1 5 ? -2.662 2.421   2.974  1.00 99.18  ? 5 DTY   A CA  1 
HETATM 47 C C   . DTY   A 1 5 ? -3.317 3.771   2.864  1.00 99.18  ? 5 DTY   A C   1 
HETATM 48 O O   . DTY   A 1 5 ? -3.468 4.289   1.771  1.00 99.18  ? 5 DTY   A O   1 
HETATM 49 C CB  . DTY   A 1 5 ? -3.611 1.403   3.569  1.00 99.18  ? 5 DTY   A CB  1 
HETATM 50 C CG  . DTY   A 1 5 ? -2.873 0.249   4.158  1.00 99.18  ? 5 DTY   A CG  1 
HETATM 51 C CD1 . DTY   A 1 5 ? -2.960 -1.004  3.604  1.00 99.18  ? 5 DTY   A CD1 1 
HETATM 52 C CD2 . DTY   A 1 5 ? -2.083 0.417   5.265  1.00 99.18  ? 5 DTY   A CD2 1 
HETATM 53 C CE1 . DTY   A 1 5 ? -2.274 -2.053  4.137  1.00 99.18  ? 5 DTY   A CE1 1 
HETATM 54 C CE2 . DTY   A 1 5 ? -1.406 -0.626  5.805  1.00 99.18  ? 5 DTY   A CE2 1 
HETATM 55 C CZ  . DTY   A 1 5 ? -1.506 -1.859  5.242  1.00 99.18  ? 5 DTY   A CZ  1 
HETATM 56 O OH  . DTY   A 1 5 ? -0.819 -2.905  5.791  1.00 99.18  ? 5 DTY   A OH  1 
HETATM 57 O OXT . DTY   A 1 5 ? -3.702 4.373   3.853  1.00 99.18  ? 5 DTY   A OXT 1 
# 
